data_4CLQ
#
_entry.id   4CLQ
#
_cell.length_a   69.120
_cell.length_b   88.280
_cell.length_c   102.130
_cell.angle_alpha   90.00
_cell.angle_beta   90.00
_cell.angle_gamma   90.00
#
_symmetry.space_group_name_H-M   'P 21 21 21'
#
loop_
_entity.id
_entity.type
_entity.pdbx_description
1 polymer "RNA 3'-TERMINAL PHOSPHATE CYCLASE-LIKE PROTEIN"
2 polymer 'RIBOSOME BIOGENESIS PROTEIN BMS1'
3 water water
#
loop_
_entity_poly.entity_id
_entity_poly.type
_entity_poly.pdbx_seq_one_letter_code
_entity_poly.pdbx_strand_id
1 'polypeptide(L)'
;(MSE)SSSAPKYTTFQGSQNFRLRIVLATLSGKPIKIEKIRSGDLNPGLKDYEVSFLRLIESVTNGSVIEISYTGTTVIY
RPGIIVGGASTHICPSSKPVGYFVEP(MSE)LYLAPFSKKKFSILFKGITASHNDAGIEAIKWGL(MSE)PV(MSE)EKF
GVRECALHTLKRGSPPLGGGEVHLVVDSLIAQPIT(MSE)HEIDRPIISSITGVAYSTRVSPSLVNR(MSE)IDGAKKVL
KNLQCEVNITADVWRGENSGKSPGWGITLVAQSKQKGWSYFAEDIGDAGSIPEELGEKVACQLLEEISKSAAVGRNQLPL
AIVY(MSE)VIGKEDIGRLRINKEQIDERFIILLRDIKKIFNTEVFLKPVDEADNED(MSE)IATIKGIGFTNTSKKIA
;
A
2 'polypeptide(L)'
;WNIGKLIYMDNISPEECIRRWRGEDDDSKDESDIEEDVDDDFFRKKDGTVTKEGNKDHAVDLEKFVPYFDTFEKLAKKWK
SVDAIKERFL
;
B
#
# COMPACT_ATOMS: atom_id res chain seq x y z
N LYS A 7 -23.95 -11.88 2.05
CA LYS A 7 -24.02 -13.21 1.49
C LYS A 7 -24.25 -13.21 -0.03
N TYR A 8 -24.77 -12.09 -0.60
CA TYR A 8 -25.09 -12.09 -2.03
C TYR A 8 -24.12 -11.46 -3.02
N THR A 9 -23.46 -10.31 -2.69
CA THR A 9 -22.43 -9.76 -3.59
C THR A 9 -21.29 -10.76 -3.46
N THR A 10 -21.05 -11.52 -4.53
CA THR A 10 -20.14 -12.65 -4.58
C THR A 10 -18.87 -12.37 -5.36
N PHE A 11 -17.72 -12.77 -4.77
CA PHE A 11 -16.38 -12.66 -5.35
C PHE A 11 -15.75 -14.06 -5.47
N GLN A 12 -14.75 -14.20 -6.37
CA GLN A 12 -14.03 -15.45 -6.62
C GLN A 12 -12.56 -15.33 -6.20
N GLY A 13 -12.07 -16.39 -5.58
CA GLY A 13 -10.68 -16.55 -5.16
C GLY A 13 -10.19 -15.72 -4.00
N SER A 14 -8.89 -15.87 -3.70
CA SER A 14 -8.22 -15.15 -2.61
C SER A 14 -7.80 -13.73 -3.02
N GLN A 15 -7.86 -13.42 -4.33
CA GLN A 15 -7.49 -12.12 -4.91
C GLN A 15 -8.16 -10.97 -4.16
N ASN A 16 -7.35 -9.95 -3.76
CA ASN A 16 -7.81 -8.74 -3.07
C ASN A 16 -8.63 -9.03 -1.81
N PHE A 17 -8.32 -10.13 -1.11
CA PHE A 17 -9.06 -10.54 0.10
C PHE A 17 -9.24 -9.40 1.10
N ARG A 18 -8.14 -8.73 1.51
CA ARG A 18 -8.27 -7.63 2.47
C ARG A 18 -9.08 -6.47 1.93
N LEU A 19 -8.86 -6.07 0.66
CA LEU A 19 -9.62 -4.98 0.02
C LEU A 19 -11.12 -5.29 0.03
N ARG A 20 -11.51 -6.51 -0.39
CA ARG A 20 -12.93 -6.91 -0.47
C ARG A 20 -13.62 -6.86 0.91
N ILE A 21 -12.93 -7.33 1.96
CA ILE A 21 -13.45 -7.29 3.34
C ILE A 21 -13.52 -5.83 3.83
N VAL A 22 -12.48 -5.01 3.53
CA VAL A 22 -12.41 -3.59 3.88
C VAL A 22 -13.58 -2.83 3.21
N LEU A 23 -13.79 -3.04 1.88
CA LEU A 23 -14.88 -2.40 1.13
C LEU A 23 -16.25 -2.79 1.67
N ALA A 24 -16.41 -4.07 2.06
CA ALA A 24 -17.68 -4.52 2.66
C ALA A 24 -17.89 -3.81 4.00
N THR A 25 -16.80 -3.68 4.80
CA THR A 25 -16.84 -3.01 6.11
C THR A 25 -17.23 -1.54 5.99
N LEU A 26 -16.63 -0.83 5.03
CA LEU A 26 -16.89 0.59 4.79
C LEU A 26 -18.30 0.85 4.23
N SER A 27 -18.81 -0.04 3.35
CA SER A 27 -20.12 0.09 2.73
C SER A 27 -21.25 -0.43 3.61
N GLY A 28 -20.94 -1.35 4.51
CA GLY A 28 -21.92 -2.02 5.37
C GLY A 28 -22.65 -3.11 4.61
N LYS A 29 -22.18 -3.44 3.39
CA LYS A 29 -22.80 -4.44 2.54
C LYS A 29 -22.26 -5.84 2.77
N PRO A 30 -23.15 -6.85 2.95
CA PRO A 30 -22.66 -8.22 3.13
C PRO A 30 -22.06 -8.80 1.86
N ILE A 31 -20.97 -9.58 1.98
CA ILE A 31 -20.31 -10.20 0.83
C ILE A 31 -20.05 -11.68 1.03
N LYS A 32 -19.85 -12.39 -0.10
CA LYS A 32 -19.48 -13.81 -0.12
C LYS A 32 -18.23 -13.95 -0.99
N ILE A 33 -17.22 -14.64 -0.47
CA ILE A 33 -15.98 -14.89 -1.20
C ILE A 33 -15.89 -16.40 -1.33
N GLU A 34 -15.99 -16.90 -2.56
CA GLU A 34 -15.99 -18.33 -2.80
C GLU A 34 -14.84 -18.77 -3.69
N LYS A 35 -14.67 -20.10 -3.85
CA LYS A 35 -13.63 -20.74 -4.67
C LYS A 35 -12.23 -20.24 -4.33
N ILE A 36 -11.95 -20.11 -3.02
CA ILE A 36 -10.65 -19.64 -2.53
C ILE A 36 -9.70 -20.82 -2.60
N ARG A 37 -8.69 -20.77 -3.51
CA ARG A 37 -7.66 -21.81 -3.73
C ARG A 37 -8.28 -23.22 -3.87
N SER A 38 -9.40 -23.32 -4.59
CA SER A 38 -10.19 -24.54 -4.82
C SER A 38 -9.47 -25.78 -5.34
N GLY A 39 -8.62 -25.60 -6.35
CA GLY A 39 -7.90 -26.70 -6.97
C GLY A 39 -6.65 -27.15 -6.24
N ASP A 40 -6.11 -26.26 -5.37
CA ASP A 40 -4.89 -26.46 -4.59
C ASP A 40 -4.91 -27.67 -3.65
N LEU A 41 -3.71 -28.21 -3.36
CA LEU A 41 -3.46 -29.35 -2.47
C LEU A 41 -3.96 -29.01 -1.07
N ASN A 42 -3.70 -27.75 -0.67
CA ASN A 42 -4.09 -27.10 0.59
C ASN A 42 -5.18 -26.07 0.21
N PRO A 43 -6.47 -26.45 0.18
CA PRO A 43 -7.49 -25.47 -0.25
C PRO A 43 -7.90 -24.46 0.82
N GLY A 44 -8.53 -23.38 0.35
CA GLY A 44 -9.09 -22.35 1.19
C GLY A 44 -8.16 -21.31 1.77
N LEU A 45 -8.68 -20.59 2.77
CA LEU A 45 -7.96 -19.52 3.48
C LEU A 45 -6.67 -19.99 4.11
N LYS A 46 -5.67 -19.12 4.08
CA LYS A 46 -4.39 -19.33 4.72
C LYS A 46 -4.55 -18.81 6.15
N ASP A 47 -3.66 -19.22 7.07
CA ASP A 47 -3.69 -18.78 8.46
C ASP A 47 -3.69 -17.25 8.61
N TYR A 48 -2.92 -16.55 7.77
CA TYR A 48 -2.88 -15.08 7.81
C TYR A 48 -4.20 -14.39 7.41
N GLU A 49 -4.99 -15.04 6.55
CA GLU A 49 -6.30 -14.51 6.11
C GLU A 49 -7.32 -14.71 7.24
N VAL A 50 -7.23 -15.86 7.92
CA VAL A 50 -8.07 -16.19 9.09
C VAL A 50 -7.73 -15.18 10.22
N SER A 51 -6.42 -14.93 10.46
CA SER A 51 -5.92 -13.97 11.46
C SER A 51 -6.44 -12.55 11.13
N PHE A 52 -6.43 -12.18 9.85
CA PHE A 52 -6.97 -10.90 9.40
C PHE A 52 -8.48 -10.80 9.69
N LEU A 53 -9.23 -11.92 9.54
CA LEU A 53 -10.66 -11.93 9.84
C LEU A 53 -10.91 -11.75 11.34
N ARG A 54 -10.04 -12.34 12.19
CA ARG A 54 -10.13 -12.20 13.66
C ARG A 54 -9.85 -10.74 14.03
N LEU A 55 -8.90 -10.09 13.32
CA LEU A 55 -8.57 -8.68 13.52
C LEU A 55 -9.80 -7.80 13.19
N ILE A 56 -10.47 -8.09 12.05
CA ILE A 56 -11.69 -7.39 11.60
C ILE A 56 -12.80 -7.51 12.70
N GLU A 57 -12.95 -8.72 13.29
CA GLU A 57 -13.93 -8.98 14.36
C GLU A 57 -13.60 -8.17 15.62
N SER A 58 -12.30 -8.04 15.96
CA SER A 58 -11.90 -7.30 17.16
C SER A 58 -12.14 -5.78 17.06
N VAL A 59 -12.18 -5.20 15.83
CA VAL A 59 -12.35 -3.75 15.64
C VAL A 59 -13.76 -3.31 15.26
N THR A 60 -14.64 -4.29 15.00
CA THR A 60 -16.03 -4.07 14.63
C THR A 60 -16.95 -4.71 15.67
N ASN A 61 -18.25 -4.39 15.63
CA ASN A 61 -19.23 -4.97 16.53
C ASN A 61 -20.44 -5.40 15.73
N GLY A 62 -20.88 -6.64 15.95
CA GLY A 62 -22.07 -7.19 15.30
C GLY A 62 -21.87 -7.84 13.95
N SER A 63 -20.61 -8.13 13.59
CA SER A 63 -20.34 -8.80 12.32
C SER A 63 -20.66 -10.29 12.44
N VAL A 64 -20.96 -10.92 11.29
CA VAL A 64 -21.19 -12.36 11.21
C VAL A 64 -20.16 -12.85 10.20
N ILE A 65 -19.27 -13.75 10.63
CA ILE A 65 -18.26 -14.33 9.77
C ILE A 65 -18.44 -15.84 9.76
N GLU A 66 -18.77 -16.39 8.61
CA GLU A 66 -18.95 -17.83 8.46
C GLU A 66 -17.95 -18.33 7.42
N ILE A 67 -17.11 -19.31 7.82
CA ILE A 67 -16.10 -19.92 6.96
C ILE A 67 -16.51 -21.38 6.74
N SER A 68 -16.57 -21.82 5.46
CA SER A 68 -16.92 -23.21 5.13
C SER A 68 -15.86 -24.16 5.70
N TYR A 69 -16.24 -25.44 5.91
CA TYR A 69 -15.37 -26.45 6.49
C TYR A 69 -13.93 -26.46 5.96
N THR A 70 -13.75 -26.46 4.63
CA THR A 70 -12.42 -26.48 4.00
C THR A 70 -11.81 -25.09 3.79
N GLY A 71 -12.53 -24.05 4.20
CA GLY A 71 -12.07 -22.67 4.09
C GLY A 71 -12.17 -22.06 2.71
N THR A 72 -12.86 -22.74 1.78
CA THR A 72 -13.01 -22.24 0.39
C THR A 72 -14.07 -21.17 0.24
N THR A 73 -14.99 -21.06 1.20
CA THR A 73 -16.02 -20.02 1.16
C THR A 73 -16.03 -19.22 2.46
N VAL A 74 -16.13 -17.89 2.34
CA VAL A 74 -16.26 -16.95 3.45
C VAL A 74 -17.51 -16.10 3.19
N ILE A 75 -18.40 -16.02 4.19
CA ILE A 75 -19.58 -15.16 4.14
C ILE A 75 -19.30 -14.08 5.18
N TYR A 76 -19.36 -12.82 4.75
CA TYR A 76 -19.08 -11.70 5.63
C TYR A 76 -20.22 -10.71 5.68
N ARG A 77 -20.88 -10.58 6.83
CA ARG A 77 -21.94 -9.61 7.06
C ARG A 77 -21.30 -8.61 8.02
N PRO A 78 -20.88 -7.43 7.53
CA PRO A 78 -20.15 -6.50 8.41
C PRO A 78 -20.90 -5.83 9.56
N GLY A 79 -20.18 -5.62 10.64
CA GLY A 79 -20.65 -4.89 11.81
C GLY A 79 -20.16 -3.45 11.73
N ILE A 80 -20.44 -2.63 12.74
CA ILE A 80 -19.99 -1.25 12.72
C ILE A 80 -18.56 -1.15 13.21
N ILE A 81 -17.77 -0.21 12.64
CA ILE A 81 -16.38 0.02 13.03
C ILE A 81 -16.38 0.69 14.42
N VAL A 82 -15.85 -0.02 15.42
CA VAL A 82 -15.85 0.40 16.82
C VAL A 82 -14.44 0.75 17.36
N GLY A 83 -13.44 -0.02 16.96
CA GLY A 83 -12.06 0.22 17.40
C GLY A 83 -11.84 -0.17 18.84
N GLY A 84 -11.03 0.64 19.52
CA GLY A 84 -10.63 0.42 20.90
C GLY A 84 -9.20 -0.08 20.98
N ALA A 85 -8.76 -0.42 22.19
CA ALA A 85 -7.41 -0.89 22.46
C ALA A 85 -7.35 -2.41 22.42
N SER A 86 -6.41 -2.98 21.64
CA SER A 86 -6.25 -4.43 21.56
C SER A 86 -4.83 -4.78 21.16
N THR A 87 -4.51 -6.06 21.22
CA THR A 87 -3.24 -6.61 20.80
C THR A 87 -3.55 -7.64 19.73
N HIS A 88 -2.78 -7.63 18.62
CA HIS A 88 -2.95 -8.64 17.56
C HIS A 88 -1.65 -9.41 17.34
N ILE A 89 -1.68 -10.74 17.53
CA ILE A 89 -0.50 -11.58 17.31
C ILE A 89 -0.52 -11.99 15.84
N CYS A 90 0.49 -11.55 15.07
CA CYS A 90 0.57 -11.83 13.65
C CYS A 90 1.27 -13.16 13.42
N PRO A 91 0.64 -14.13 12.73
CA PRO A 91 1.34 -15.41 12.49
C PRO A 91 2.55 -15.18 11.60
N SER A 92 3.60 -15.99 11.76
CA SER A 92 4.86 -15.88 11.01
C SER A 92 4.72 -15.72 9.50
N SER A 93 3.66 -16.30 8.90
CA SER A 93 3.38 -16.26 7.46
C SER A 93 3.26 -14.83 6.86
N LYS A 94 2.96 -13.83 7.70
CA LYS A 94 2.84 -12.45 7.25
C LYS A 94 3.41 -11.49 8.29
N PRO A 95 4.11 -10.40 7.85
CA PRO A 95 4.61 -9.43 8.82
C PRO A 95 3.49 -8.50 9.32
N VAL A 96 3.80 -7.68 10.33
CA VAL A 96 2.83 -6.74 10.94
C VAL A 96 2.12 -5.83 9.92
N GLY A 97 2.86 -5.38 8.89
CA GLY A 97 2.36 -4.48 7.84
C GLY A 97 1.17 -5.02 7.05
N TYR A 98 1.09 -6.34 6.90
CA TYR A 98 -0.02 -7.00 6.19
C TYR A 98 -1.31 -6.74 6.95
N PHE A 99 -1.22 -6.66 8.30
CA PHE A 99 -2.36 -6.45 9.18
C PHE A 99 -2.61 -4.97 9.45
N VAL A 100 -1.53 -4.16 9.57
CA VAL A 100 -1.67 -2.70 9.78
C VAL A 100 -2.32 -2.03 8.57
N GLU A 101 -1.87 -2.36 7.34
CA GLU A 101 -2.34 -1.75 6.08
C GLU A 101 -3.89 -1.66 5.95
N PRO A 102 -4.66 -2.78 6.06
CA PRO A 102 -6.12 -2.66 5.99
C PRO A 102 -6.72 -1.87 7.16
N MSE A 103 -6.09 -1.82 8.35
CA MSE A 103 -6.61 -1.01 9.48
C MSE A 103 -6.60 0.48 9.12
O MSE A 103 -7.43 1.23 9.64
CB MSE A 103 -5.76 -1.14 10.73
CG MSE A 103 -5.49 -2.55 11.17
SE MSE A 103 -6.64 -3.05 12.57
CE MSE A 103 -7.95 -3.37 11.48
N LEU A 104 -5.65 0.90 8.25
CA LEU A 104 -5.53 2.30 7.79
C LEU A 104 -6.76 2.78 7.04
N TYR A 105 -7.46 1.85 6.39
CA TYR A 105 -8.67 2.14 5.62
C TYR A 105 -9.89 2.27 6.52
N LEU A 106 -9.81 1.75 7.75
CA LEU A 106 -10.93 1.72 8.71
C LEU A 106 -10.83 2.67 9.89
N ALA A 107 -9.63 2.79 10.48
CA ALA A 107 -9.37 3.56 11.70
C ALA A 107 -9.98 4.97 11.80
N PRO A 108 -9.87 5.85 10.78
CA PRO A 108 -10.43 7.21 10.96
C PRO A 108 -11.95 7.26 11.00
N PHE A 109 -12.62 6.18 10.56
CA PHE A 109 -14.09 6.10 10.45
C PHE A 109 -14.75 5.32 11.58
N SER A 110 -13.98 5.07 12.64
CA SER A 110 -14.38 4.31 13.83
C SER A 110 -15.13 5.16 14.88
N LYS A 111 -15.95 4.50 15.74
CA LYS A 111 -16.66 5.18 16.85
C LYS A 111 -15.60 5.58 17.89
N LYS A 112 -14.69 4.63 18.21
CA LYS A 112 -13.60 4.85 19.18
C LYS A 112 -12.27 4.70 18.46
N LYS A 113 -11.22 5.34 18.98
CA LYS A 113 -9.86 5.32 18.40
C LYS A 113 -9.27 3.92 18.35
N PHE A 114 -8.58 3.60 17.24
CA PHE A 114 -7.86 2.34 17.10
C PHE A 114 -6.55 2.53 17.86
N SER A 115 -6.24 1.62 18.79
CA SER A 115 -4.99 1.64 19.56
C SER A 115 -4.56 0.17 19.63
N ILE A 116 -3.93 -0.30 18.54
CA ILE A 116 -3.60 -1.72 18.35
C ILE A 116 -2.13 -2.01 18.37
N LEU A 117 -1.76 -2.98 19.22
CA LEU A 117 -0.40 -3.46 19.36
C LEU A 117 -0.28 -4.69 18.47
N PHE A 118 0.58 -4.63 17.45
CA PHE A 118 0.79 -5.74 16.53
C PHE A 118 2.11 -6.42 16.88
N LYS A 119 2.09 -7.76 17.03
CA LYS A 119 3.29 -8.51 17.37
C LYS A 119 3.61 -9.56 16.31
N GLY A 120 4.90 -9.67 15.97
CA GLY A 120 5.39 -10.65 15.02
C GLY A 120 6.55 -10.14 14.21
N ILE A 121 6.69 -10.67 12.99
CA ILE A 121 7.72 -10.25 12.03
C ILE A 121 7.34 -8.85 11.56
N THR A 122 8.31 -7.93 11.45
CA THR A 122 8.05 -6.54 11.04
C THR A 122 8.35 -6.25 9.57
N ALA A 123 8.91 -7.22 8.81
CA ALA A 123 9.23 -6.98 7.40
C ALA A 123 9.20 -8.22 6.55
N SER A 124 8.87 -8.07 5.26
CA SER A 124 8.93 -9.15 4.27
C SER A 124 9.34 -8.56 2.93
N HIS A 125 9.42 -9.39 1.87
CA HIS A 125 9.72 -8.91 0.53
C HIS A 125 8.45 -8.46 -0.20
N ASN A 126 7.26 -8.80 0.31
CA ASN A 126 6.00 -8.55 -0.41
C ASN A 126 5.01 -7.61 0.24
N ASP A 127 5.18 -7.31 1.53
CA ASP A 127 4.21 -6.52 2.27
C ASP A 127 4.73 -5.16 2.67
N ALA A 128 3.83 -4.26 3.09
CA ALA A 128 4.16 -2.92 3.56
C ALA A 128 5.03 -3.02 4.83
N GLY A 129 6.18 -2.37 4.79
CA GLY A 129 7.08 -2.33 5.94
C GLY A 129 6.69 -1.19 6.85
N ILE A 130 7.37 -1.08 7.99
CA ILE A 130 7.12 -0.01 8.96
C ILE A 130 7.21 1.38 8.30
N GLU A 131 8.32 1.64 7.59
CA GLU A 131 8.58 2.93 6.94
C GLU A 131 7.61 3.23 5.80
N ALA A 132 7.22 2.19 5.04
CA ALA A 132 6.22 2.34 3.98
C ALA A 132 4.92 2.91 4.59
N ILE A 133 4.52 2.40 5.76
CA ILE A 133 3.30 2.87 6.44
C ILE A 133 3.49 4.33 6.94
N LYS A 134 4.54 4.58 7.75
CA LYS A 134 4.83 5.89 8.35
C LYS A 134 5.11 7.03 7.37
N TRP A 135 5.89 6.75 6.31
CA TRP A 135 6.33 7.75 5.33
C TRP A 135 5.65 7.67 3.97
N GLY A 136 4.94 6.58 3.70
CA GLY A 136 4.26 6.40 2.42
C GLY A 136 2.77 6.55 2.51
N LEU A 137 2.13 5.69 3.31
CA LEU A 137 0.67 5.66 3.47
C LEU A 137 0.12 6.74 4.39
N MSE A 138 0.69 6.91 5.57
CA MSE A 138 0.25 7.95 6.54
C MSE A 138 0.26 9.37 6.00
O MSE A 138 -0.76 10.04 6.15
CB MSE A 138 0.90 7.80 7.90
CG MSE A 138 0.43 6.51 8.58
SE MSE A 138 1.16 6.31 10.33
CE MSE A 138 0.03 4.88 10.91
N PRO A 139 1.30 9.85 5.26
CA PRO A 139 1.21 11.19 4.66
C PRO A 139 0.04 11.33 3.69
N VAL A 140 -0.36 10.23 3.01
CA VAL A 140 -1.51 10.25 2.09
C VAL A 140 -2.79 10.43 2.92
N MSE A 141 -2.94 9.67 4.02
CA MSE A 141 -4.11 9.85 4.90
C MSE A 141 -4.18 11.21 5.55
O MSE A 141 -5.26 11.77 5.69
CB MSE A 141 -4.40 8.66 5.84
CG MSE A 141 -3.28 8.20 6.68
SE MSE A 141 -3.41 6.26 7.15
CE MSE A 141 -3.09 5.64 5.65
N GLU A 142 -3.00 11.81 5.84
CA GLU A 142 -2.93 13.17 6.38
C GLU A 142 -3.50 14.16 5.34
N LYS A 143 -3.14 14.01 4.05
CA LYS A 143 -3.64 14.86 2.95
C LYS A 143 -5.16 14.75 2.84
N PHE A 144 -5.72 13.60 3.22
CA PHE A 144 -7.16 13.35 3.23
C PHE A 144 -7.87 13.79 4.52
N GLY A 145 -7.13 14.39 5.45
CA GLY A 145 -7.71 14.90 6.69
C GLY A 145 -7.49 14.08 7.94
N VAL A 146 -6.69 12.99 7.87
CA VAL A 146 -6.42 12.19 9.07
C VAL A 146 -5.24 12.89 9.73
N ARG A 147 -5.52 13.94 10.49
CA ARG A 147 -4.53 14.81 11.13
C ARG A 147 -3.55 14.07 12.03
N GLU A 148 -4.08 13.17 12.86
CA GLU A 148 -3.27 12.43 13.80
C GLU A 148 -3.38 10.93 13.55
N CYS A 149 -2.26 10.35 13.09
CA CYS A 149 -2.10 8.92 12.87
C CYS A 149 -0.64 8.62 13.13
N ALA A 150 -0.39 7.50 13.79
CA ALA A 150 0.97 7.13 14.15
C ALA A 150 1.15 5.65 14.19
N LEU A 151 2.36 5.21 13.83
CA LEU A 151 2.78 3.84 13.96
C LEU A 151 4.07 3.88 14.77
N HIS A 152 3.99 3.52 16.06
CA HIS A 152 5.14 3.55 16.96
C HIS A 152 5.92 2.24 16.89
N THR A 153 7.24 2.29 16.61
CA THR A 153 8.07 1.10 16.53
C THR A 153 8.71 0.83 17.88
N LEU A 154 8.18 -0.15 18.60
CA LEU A 154 8.70 -0.51 19.93
C LEU A 154 9.84 -1.49 19.75
N LYS A 155 9.63 -2.52 18.91
CA LYS A 155 10.64 -3.53 18.63
C LYS A 155 10.62 -3.91 17.17
N ARG A 156 11.79 -4.14 16.58
CA ARG A 156 11.85 -4.63 15.21
C ARG A 156 11.91 -6.16 15.31
N GLY A 157 11.46 -6.85 14.28
CA GLY A 157 11.46 -8.31 14.25
C GLY A 157 11.72 -8.83 12.86
N SER A 158 12.99 -8.98 12.51
CA SER A 158 13.35 -9.43 11.18
C SER A 158 13.00 -10.92 10.99
N PRO A 159 12.65 -11.36 9.77
CA PRO A 159 12.38 -12.79 9.56
C PRO A 159 13.69 -13.59 9.70
N PRO A 160 13.64 -14.89 10.06
CA PRO A 160 12.43 -15.72 10.25
C PRO A 160 11.82 -15.73 11.65
N LEU A 161 12.57 -15.31 12.68
CA LEU A 161 12.09 -15.43 14.06
C LEU A 161 11.21 -14.31 14.62
N GLY A 162 11.27 -13.12 14.02
CA GLY A 162 10.44 -12.00 14.42
C GLY A 162 10.76 -11.42 15.79
N GLY A 163 9.73 -11.34 16.63
CA GLY A 163 9.82 -10.76 17.96
C GLY A 163 9.67 -9.24 17.94
N GLY A 164 9.08 -8.72 16.86
CA GLY A 164 8.84 -7.29 16.67
C GLY A 164 7.54 -6.82 17.30
N GLU A 165 7.44 -5.49 17.48
CA GLU A 165 6.26 -4.89 18.12
C GLU A 165 6.03 -3.47 17.62
N VAL A 166 4.84 -3.22 17.05
CA VAL A 166 4.44 -1.90 16.56
C VAL A 166 3.09 -1.50 17.15
N HIS A 167 2.95 -0.20 17.48
CA HIS A 167 1.70 0.30 18.04
C HIS A 167 1.03 1.28 17.07
N LEU A 168 -0.12 0.86 16.54
CA LEU A 168 -0.92 1.72 15.65
C LEU A 168 -1.88 2.54 16.51
N VAL A 169 -1.83 3.88 16.40
CA VAL A 169 -2.72 4.77 17.14
C VAL A 169 -3.25 5.81 16.14
N VAL A 170 -4.57 5.81 15.90
CA VAL A 170 -5.18 6.81 15.00
C VAL A 170 -6.12 7.66 15.84
N ASP A 171 -5.60 8.78 16.36
CA ASP A 171 -6.36 9.71 17.20
C ASP A 171 -7.41 10.49 16.44
N SER A 172 -7.19 10.75 15.14
CA SER A 172 -8.16 11.47 14.32
C SER A 172 -9.33 10.61 13.86
N LEU A 173 -10.53 10.97 14.33
CA LEU A 173 -11.77 10.31 13.96
C LEU A 173 -12.51 11.36 13.11
N ILE A 174 -12.76 11.04 11.84
CA ILE A 174 -13.38 11.99 10.91
C ILE A 174 -14.65 11.40 10.31
N ALA A 175 -15.57 12.29 9.86
CA ALA A 175 -16.83 11.87 9.25
C ALA A 175 -16.57 11.11 7.95
N GLN A 176 -15.60 11.58 7.16
CA GLN A 176 -15.20 10.95 5.88
C GLN A 176 -13.94 11.67 5.41
N PRO A 177 -13.16 11.11 4.46
CA PRO A 177 -11.98 11.83 3.96
C PRO A 177 -12.44 13.10 3.26
N ILE A 178 -11.54 14.10 3.22
CA ILE A 178 -11.87 15.35 2.53
C ILE A 178 -11.92 15.04 1.02
N THR A 179 -12.54 15.92 0.24
CA THR A 179 -12.59 15.74 -1.22
C THR A 179 -11.19 16.02 -1.84
N MSE A 180 -10.63 15.07 -2.64
CA MSE A 180 -9.28 15.07 -3.30
C MSE A 180 -9.23 16.06 -4.47
O MSE A 180 -10.09 15.99 -5.32
CB MSE A 180 -8.70 13.59 -3.68
CG MSE A 180 -9.44 12.64 -4.92
SE MSE A 180 -9.02 10.48 -5.49
CE MSE A 180 -7.36 10.41 -4.51
N HIS A 181 -8.28 17.01 -4.50
CA HIS A 181 -8.06 17.89 -5.66
C HIS A 181 -6.57 18.03 -5.89
N GLU A 182 -6.01 17.11 -6.70
CA GLU A 182 -4.59 17.16 -7.05
C GLU A 182 -4.44 16.85 -8.53
N ILE A 183 -4.36 17.92 -9.34
CA ILE A 183 -4.30 17.85 -10.79
C ILE A 183 -2.91 18.15 -11.35
N ASP A 184 -1.92 18.34 -10.47
CA ASP A 184 -0.55 18.65 -10.88
C ASP A 184 0.39 17.50 -10.56
N ARG A 185 1.60 17.54 -11.13
CA ARG A 185 2.66 16.59 -10.81
C ARG A 185 3.47 17.26 -9.70
N PRO A 186 3.39 16.78 -8.46
CA PRO A 186 4.16 17.42 -7.37
C PRO A 186 5.66 17.41 -7.62
N ILE A 187 6.34 18.52 -7.28
CA ILE A 187 7.79 18.65 -7.49
C ILE A 187 8.53 18.02 -6.30
N ILE A 188 9.49 17.14 -6.58
CA ILE A 188 10.28 16.48 -5.53
C ILE A 188 11.35 17.45 -5.04
N SER A 189 11.30 17.80 -3.75
CA SER A 189 12.24 18.73 -3.13
C SER A 189 13.49 18.06 -2.54
N SER A 190 13.38 16.77 -2.12
CA SER A 190 14.50 16.02 -1.52
C SER A 190 14.24 14.51 -1.49
N ILE A 191 15.29 13.74 -1.18
CA ILE A 191 15.19 12.30 -1.00
C ILE A 191 15.65 11.96 0.42
N THR A 192 14.78 11.28 1.16
CA THR A 192 15.08 10.86 2.52
C THR A 192 14.89 9.35 2.55
N GLY A 193 14.99 8.76 3.73
CA GLY A 193 14.80 7.33 3.87
C GLY A 193 15.32 6.81 5.19
N VAL A 194 15.11 5.52 5.42
CA VAL A 194 15.55 4.84 6.62
C VAL A 194 16.18 3.53 6.18
N ALA A 195 17.45 3.36 6.50
CA ALA A 195 18.21 2.13 6.29
C ALA A 195 18.34 1.55 7.69
N TYR A 196 17.77 0.38 7.92
CA TYR A 196 17.80 -0.24 9.25
C TYR A 196 18.42 -1.62 9.26
N SER A 197 18.79 -2.09 10.44
CA SER A 197 19.32 -3.43 10.63
C SER A 197 18.97 -3.90 12.02
N THR A 198 18.96 -5.22 12.22
CA THR A 198 18.69 -5.84 13.53
C THR A 198 19.76 -6.91 13.80
N ARG A 199 20.26 -6.97 15.06
CA ARG A 199 21.22 -7.98 15.55
C ARG A 199 22.58 -8.01 14.83
N VAL A 200 22.90 -6.98 14.04
CA VAL A 200 24.15 -6.92 13.29
C VAL A 200 24.94 -5.63 13.55
N SER A 201 26.20 -5.62 13.07
CA SER A 201 27.14 -4.51 13.15
C SER A 201 26.60 -3.25 12.44
N PRO A 202 26.91 -2.02 12.92
CA PRO A 202 26.46 -0.80 12.23
C PRO A 202 26.96 -0.65 10.79
N SER A 203 27.98 -1.45 10.37
CA SER A 203 28.55 -1.37 9.01
C SER A 203 27.55 -1.70 7.91
N LEU A 204 26.62 -2.65 8.14
CA LEU A 204 25.61 -3.05 7.14
C LEU A 204 24.69 -1.93 6.69
N VAL A 205 24.23 -1.09 7.63
CA VAL A 205 23.37 0.06 7.33
C VAL A 205 24.18 1.07 6.51
N ASN A 206 25.45 1.32 6.88
CA ASN A 206 26.31 2.25 6.16
C ASN A 206 26.57 1.81 4.72
N ARG A 207 26.69 0.49 4.51
CA ARG A 207 26.89 -0.10 3.19
C ARG A 207 25.65 0.04 2.27
N MSE A 208 24.42 -0.10 2.82
CA MSE A 208 23.17 0.09 2.07
C MSE A 208 23.04 1.54 1.63
O MSE A 208 22.68 1.81 0.48
CB MSE A 208 21.93 -0.27 2.91
CG MSE A 208 21.70 -1.78 3.05
SE MSE A 208 19.98 -2.06 3.92
CE MSE A 208 20.47 -1.64 5.72
N ILE A 209 23.36 2.47 2.56
CA ILE A 209 23.34 3.91 2.29
C ILE A 209 24.35 4.23 1.18
N ASP A 210 25.56 3.60 1.21
CA ASP A 210 26.57 3.77 0.15
C ASP A 210 25.99 3.38 -1.22
N GLY A 211 25.32 2.22 -1.29
CA GLY A 211 24.67 1.74 -2.51
C GLY A 211 23.59 2.65 -3.06
N ALA A 212 22.73 3.16 -2.17
CA ALA A 212 21.64 4.06 -2.55
C ALA A 212 22.20 5.39 -3.04
N LYS A 213 23.19 5.95 -2.31
CA LYS A 213 23.86 7.21 -2.66
C LYS A 213 24.55 7.15 -4.01
N LYS A 214 25.16 5.99 -4.36
CA LYS A 214 25.83 5.78 -5.64
C LYS A 214 24.86 6.03 -6.82
N VAL A 215 23.60 5.57 -6.69
CA VAL A 215 22.56 5.72 -7.72
C VAL A 215 21.94 7.12 -7.69
N LEU A 216 21.75 7.70 -6.49
CA LEU A 216 21.09 8.99 -6.28
C LEU A 216 21.94 10.26 -6.38
N LYS A 217 23.28 10.14 -6.32
CA LYS A 217 24.19 11.29 -6.37
C LYS A 217 24.07 12.15 -7.64
N ASN A 218 23.59 11.56 -8.75
CA ASN A 218 23.41 12.24 -10.04
C ASN A 218 22.25 13.26 -10.03
N LEU A 219 21.30 13.10 -9.09
CA LEU A 219 20.15 14.01 -8.95
C LEU A 219 20.57 15.38 -8.41
N GLN A 220 19.77 16.41 -8.69
CA GLN A 220 20.04 17.80 -8.29
C GLN A 220 19.55 18.17 -6.87
N CYS A 221 18.96 17.21 -6.13
CA CYS A 221 18.41 17.44 -4.80
C CYS A 221 19.22 16.83 -3.64
N GLU A 222 18.93 17.25 -2.40
CA GLU A 222 19.55 16.72 -1.19
C GLU A 222 19.11 15.26 -1.00
N VAL A 223 20.04 14.41 -0.57
CA VAL A 223 19.80 12.99 -0.31
C VAL A 223 20.28 12.73 1.12
N ASN A 224 19.34 12.47 2.03
CA ASN A 224 19.69 12.24 3.43
C ASN A 224 19.00 11.00 3.94
N ILE A 225 19.77 9.91 4.08
CA ILE A 225 19.23 8.62 4.51
C ILE A 225 19.62 8.36 5.95
N THR A 226 18.61 8.12 6.80
CA THR A 226 18.80 7.85 8.22
C THR A 226 19.39 6.46 8.40
N ALA A 227 20.42 6.37 9.27
CA ALA A 227 21.05 5.14 9.68
C ALA A 227 20.35 4.73 10.98
N ASP A 228 19.57 3.64 10.95
CA ASP A 228 18.78 3.20 12.11
C ASP A 228 19.19 1.78 12.53
N VAL A 229 20.24 1.70 13.37
CA VAL A 229 20.82 0.44 13.84
C VAL A 229 20.13 -0.07 15.10
N TRP A 230 19.56 -1.28 15.04
CA TRP A 230 18.89 -1.86 16.20
C TRP A 230 19.72 -3.03 16.72
N ARG A 231 20.00 -3.03 18.03
CA ARG A 231 20.79 -4.07 18.70
C ARG A 231 20.16 -4.43 20.04
N GLY A 232 20.54 -5.58 20.59
CA GLY A 232 20.03 -6.03 21.87
C GLY A 232 18.60 -6.52 21.81
N GLU A 233 17.93 -6.52 22.96
CA GLU A 233 16.56 -7.01 23.12
C GLU A 233 15.49 -6.41 22.20
N ASN A 234 15.47 -5.08 22.05
CA ASN A 234 14.47 -4.42 21.21
C ASN A 234 14.63 -4.68 19.70
N SER A 235 15.76 -5.31 19.30
CA SER A 235 16.02 -5.60 17.88
C SER A 235 15.38 -6.90 17.38
N GLY A 236 14.69 -7.62 18.25
CA GLY A 236 14.02 -8.86 17.89
C GLY A 236 14.90 -10.09 17.98
N LYS A 237 14.47 -11.16 17.31
CA LYS A 237 15.10 -12.47 17.40
C LYS A 237 16.02 -12.91 16.24
N SER A 238 16.05 -12.15 15.14
CA SER A 238 16.84 -12.54 13.98
C SER A 238 17.68 -11.42 13.39
N PRO A 239 18.85 -11.77 12.79
CA PRO A 239 19.58 -10.74 12.06
C PRO A 239 18.80 -10.37 10.79
N GLY A 240 18.88 -9.11 10.41
CA GLY A 240 18.16 -8.61 9.25
C GLY A 240 18.50 -7.17 8.97
N TRP A 241 18.10 -6.69 7.80
CA TRP A 241 18.34 -5.33 7.34
C TRP A 241 17.46 -5.00 6.17
N GLY A 242 17.12 -3.73 6.06
CA GLY A 242 16.28 -3.25 4.98
C GLY A 242 16.44 -1.76 4.80
N ILE A 243 15.82 -1.27 3.73
CA ILE A 243 15.91 0.14 3.38
C ILE A 243 14.65 0.58 2.66
N THR A 244 14.16 1.76 3.03
CA THR A 244 13.03 2.45 2.42
C THR A 244 13.56 3.81 2.00
N LEU A 245 13.38 4.16 0.73
CA LEU A 245 13.81 5.47 0.20
C LEU A 245 12.56 6.24 -0.16
N VAL A 246 12.52 7.51 0.25
CA VAL A 246 11.34 8.35 0.10
C VAL A 246 11.66 9.66 -0.60
N ALA A 247 11.04 9.88 -1.77
CA ALA A 247 11.15 11.13 -2.51
C ALA A 247 10.09 12.06 -1.90
N GLN A 248 10.52 13.20 -1.34
CA GLN A 248 9.59 14.13 -0.69
C GLN A 248 9.26 15.33 -1.54
N SER A 249 8.01 15.80 -1.42
CA SER A 249 7.48 16.99 -2.07
C SER A 249 6.94 17.92 -0.96
N LYS A 250 7.82 18.81 -0.44
CA LYS A 250 7.52 19.73 0.69
C LYS A 250 6.29 20.66 0.57
N GLN A 251 6.02 21.21 -0.64
CA GLN A 251 4.92 22.14 -0.90
C GLN A 251 3.55 21.71 -0.33
N LYS A 252 3.10 20.48 -0.64
CA LYS A 252 1.81 19.95 -0.18
C LYS A 252 1.94 18.73 0.76
N GLY A 253 3.12 18.11 0.79
CA GLY A 253 3.38 16.96 1.64
C GLY A 253 3.15 15.60 0.99
N TRP A 254 3.30 15.52 -0.35
CA TRP A 254 3.17 14.25 -1.08
C TRP A 254 4.50 13.51 -0.98
N SER A 255 4.49 12.19 -1.22
CA SER A 255 5.68 11.36 -1.14
C SER A 255 5.62 10.19 -2.09
N TYR A 256 6.81 9.69 -2.51
CA TYR A 256 6.98 8.54 -3.39
C TYR A 256 8.03 7.69 -2.72
N PHE A 257 7.84 6.38 -2.69
CA PHE A 257 8.77 5.50 -2.00
C PHE A 257 8.97 4.13 -2.65
N ALA A 258 10.07 3.46 -2.27
CA ALA A 258 10.40 2.09 -2.65
C ALA A 258 11.04 1.45 -1.43
N GLU A 259 10.86 0.13 -1.27
CA GLU A 259 11.35 -0.57 -0.10
C GLU A 259 11.73 -1.99 -0.43
N ASP A 260 12.65 -2.54 0.37
CA ASP A 260 13.02 -3.96 0.32
C ASP A 260 13.93 -4.29 1.48
N ILE A 261 14.06 -5.58 1.76
CA ILE A 261 14.89 -6.12 2.81
C ILE A 261 15.92 -7.04 2.19
N GLY A 262 17.01 -7.27 2.90
CA GLY A 262 18.06 -8.17 2.43
C GLY A 262 17.93 -9.54 3.07
N ASP A 263 18.36 -10.58 2.35
CA ASP A 263 18.37 -11.96 2.82
C ASP A 263 19.78 -12.27 3.29
N ALA A 264 19.95 -13.33 4.12
CA ALA A 264 21.25 -13.80 4.60
C ALA A 264 22.14 -14.12 3.39
N GLY A 265 23.38 -13.64 3.44
CA GLY A 265 24.34 -13.85 2.36
C GLY A 265 24.29 -12.84 1.23
N SER A 266 23.33 -11.88 1.27
CA SER A 266 23.21 -10.85 0.23
C SER A 266 24.14 -9.66 0.48
N ILE A 267 24.39 -8.86 -0.56
CA ILE A 267 25.28 -7.72 -0.48
C ILE A 267 24.49 -6.45 -0.12
N PRO A 268 24.78 -5.78 1.03
CA PRO A 268 24.04 -4.54 1.38
C PRO A 268 24.14 -3.40 0.37
N GLU A 269 25.29 -3.21 -0.28
CA GLU A 269 25.46 -2.18 -1.30
C GLU A 269 24.49 -2.42 -2.47
N GLU A 270 24.31 -3.70 -2.86
CA GLU A 270 23.42 -4.11 -3.95
C GLU A 270 21.99 -3.80 -3.62
N LEU A 271 21.57 -4.05 -2.34
CA LEU A 271 20.22 -3.72 -1.89
C LEU A 271 19.96 -2.22 -1.97
N GLY A 272 20.93 -1.42 -1.50
CA GLY A 272 20.83 0.02 -1.55
C GLY A 272 20.63 0.54 -2.97
N GLU A 273 21.44 0.01 -3.92
CA GLU A 273 21.40 0.34 -5.35
C GLU A 273 20.04 0.02 -5.93
N LYS A 274 19.55 -1.23 -5.70
CA LYS A 274 18.29 -1.76 -6.18
C LYS A 274 17.12 -0.89 -5.75
N VAL A 275 17.02 -0.61 -4.44
CA VAL A 275 15.92 0.22 -3.91
C VAL A 275 15.98 1.66 -4.47
N ALA A 276 17.21 2.20 -4.65
CA ALA A 276 17.37 3.53 -5.27
C ALA A 276 16.88 3.49 -6.73
N CYS A 277 17.20 2.40 -7.49
CA CYS A 277 16.75 2.19 -8.86
C CYS A 277 15.23 2.06 -8.89
N GLN A 278 14.68 1.34 -7.91
CA GLN A 278 13.23 1.16 -7.80
C GLN A 278 12.51 2.45 -7.46
N LEU A 279 13.12 3.34 -6.65
CA LEU A 279 12.51 4.63 -6.33
C LEU A 279 12.42 5.52 -7.58
N LEU A 280 13.51 5.61 -8.38
CA LEU A 280 13.55 6.40 -9.61
C LEU A 280 12.50 5.88 -10.59
N GLU A 281 12.41 4.55 -10.71
CA GLU A 281 11.42 3.88 -11.55
C GLU A 281 10.00 4.25 -11.05
N GLU A 282 9.76 4.18 -9.71
CA GLU A 282 8.46 4.53 -9.12
C GLU A 282 8.11 6.01 -9.43
N ILE A 283 9.09 6.92 -9.33
CA ILE A 283 8.89 8.34 -9.65
C ILE A 283 8.45 8.49 -11.13
N SER A 284 9.16 7.80 -12.05
CA SER A 284 8.89 7.84 -13.50
C SER A 284 7.48 7.37 -13.87
N LYS A 285 6.93 6.44 -13.07
CA LYS A 285 5.60 5.84 -13.22
C LYS A 285 4.53 6.62 -12.44
N SER A 286 4.90 7.65 -11.69
CA SER A 286 3.94 8.37 -10.84
C SER A 286 3.50 9.72 -11.36
N ALA A 287 2.47 10.27 -10.68
CA ALA A 287 1.94 11.61 -10.90
C ALA A 287 1.69 12.14 -9.49
N ALA A 288 0.42 12.25 -9.03
CA ALA A 288 0.10 12.72 -7.69
C ALA A 288 0.63 11.78 -6.59
N VAL A 289 0.45 10.45 -6.78
CA VAL A 289 0.93 9.43 -5.83
C VAL A 289 1.69 8.33 -6.58
N GLY A 290 2.31 7.44 -5.82
CA GLY A 290 2.98 6.28 -6.40
C GLY A 290 1.98 5.14 -6.49
N ARG A 291 2.36 4.04 -7.16
CA ARG A 291 1.48 2.88 -7.34
C ARG A 291 1.11 2.24 -6.00
N ASN A 292 2.02 2.26 -5.02
CA ASN A 292 1.77 1.68 -3.70
C ASN A 292 0.82 2.49 -2.80
N GLN A 293 0.53 3.77 -3.15
CA GLN A 293 -0.38 4.64 -2.40
C GLN A 293 -1.72 4.83 -3.14
N LEU A 294 -1.75 4.52 -4.44
CA LEU A 294 -2.93 4.67 -5.29
C LEU A 294 -4.21 3.95 -4.81
N PRO A 295 -4.19 2.64 -4.41
CA PRO A 295 -5.44 2.01 -3.90
C PRO A 295 -6.06 2.73 -2.69
N LEU A 296 -5.23 3.18 -1.74
CA LEU A 296 -5.69 3.90 -0.57
C LEU A 296 -6.32 5.25 -0.95
N ALA A 297 -5.64 6.01 -1.83
CA ALA A 297 -6.12 7.29 -2.33
C ALA A 297 -7.46 7.09 -3.05
N ILE A 298 -7.55 6.05 -3.92
CA ILE A 298 -8.77 5.70 -4.66
C ILE A 298 -9.93 5.41 -3.70
N VAL A 299 -9.70 4.56 -2.70
CA VAL A 299 -10.78 4.23 -1.76
C VAL A 299 -11.23 5.46 -0.98
N TYR A 300 -10.27 6.27 -0.50
CA TYR A 300 -10.57 7.48 0.27
C TYR A 300 -11.45 8.47 -0.52
N MSE A 301 -11.28 8.54 -1.86
CA MSE A 301 -12.16 9.39 -2.69
C MSE A 301 -13.52 8.80 -2.89
O MSE A 301 -14.49 9.54 -2.97
CB MSE A 301 -11.56 9.69 -4.06
CG MSE A 301 -10.66 8.63 -4.53
SE MSE A 301 -10.96 7.74 -6.20
CE MSE A 301 -9.28 8.23 -7.09
N VAL A 302 -13.60 7.46 -3.02
CA VAL A 302 -14.88 6.76 -3.19
C VAL A 302 -15.78 7.03 -1.97
N ILE A 303 -15.17 7.05 -0.76
CA ILE A 303 -15.88 7.24 0.50
C ILE A 303 -16.02 8.70 0.97
N GLY A 304 -15.61 9.64 0.15
CA GLY A 304 -15.76 11.05 0.50
C GLY A 304 -17.21 11.49 0.46
N LYS A 305 -17.47 12.76 0.74
CA LYS A 305 -18.83 13.32 0.67
C LYS A 305 -19.27 13.35 -0.81
N GLU A 306 -20.57 13.54 -1.06
CA GLU A 306 -21.11 13.63 -2.40
C GLU A 306 -20.62 14.94 -3.06
N ASP A 307 -19.48 14.80 -3.74
CA ASP A 307 -18.75 15.85 -4.45
C ASP A 307 -17.73 15.14 -5.34
N ILE A 308 -17.24 15.86 -6.36
CA ILE A 308 -16.26 15.30 -7.29
C ILE A 308 -14.87 15.60 -6.81
N GLY A 309 -14.08 14.54 -6.67
CA GLY A 309 -12.67 14.61 -6.35
C GLY A 309 -11.87 14.36 -7.62
N ARG A 310 -10.68 14.98 -7.71
CA ARG A 310 -9.82 14.85 -8.88
C ARG A 310 -8.43 14.41 -8.47
N LEU A 311 -7.90 13.39 -9.14
CA LEU A 311 -6.56 12.89 -8.85
C LEU A 311 -5.78 12.61 -10.13
N ARG A 312 -4.63 13.26 -10.29
CA ARG A 312 -3.80 13.07 -11.46
C ARG A 312 -3.10 11.71 -11.39
N ILE A 313 -3.24 10.90 -12.45
CA ILE A 313 -2.60 9.60 -12.49
C ILE A 313 -1.75 9.46 -13.75
N ASN A 314 -0.66 8.72 -13.66
CA ASN A 314 0.23 8.47 -14.79
C ASN A 314 -0.31 7.25 -15.56
N LYS A 315 -0.07 7.18 -16.88
CA LYS A 315 -0.50 6.06 -17.75
C LYS A 315 0.06 4.72 -17.26
N GLU A 316 1.30 4.74 -16.73
CA GLU A 316 2.01 3.58 -16.17
C GLU A 316 1.28 3.01 -14.95
N GLN A 317 0.44 3.82 -14.29
CA GLN A 317 -0.32 3.40 -13.11
C GLN A 317 -1.60 2.64 -13.47
N ILE A 318 -2.07 2.75 -14.73
CA ILE A 318 -3.25 2.01 -15.17
C ILE A 318 -2.76 0.63 -15.61
N ASP A 319 -2.60 -0.26 -14.62
CA ASP A 319 -2.12 -1.62 -14.81
C ASP A 319 -3.25 -2.57 -14.44
N GLU A 320 -3.01 -3.88 -14.52
CA GLU A 320 -4.04 -4.90 -14.22
C GLU A 320 -4.52 -4.80 -12.78
N ARG A 321 -3.63 -4.40 -11.85
CA ARG A 321 -3.95 -4.23 -10.43
C ARG A 321 -4.93 -3.08 -10.25
N PHE A 322 -4.70 -1.96 -10.96
CA PHE A 322 -5.59 -0.80 -10.93
C PHE A 322 -6.98 -1.18 -11.48
N ILE A 323 -7.02 -1.99 -12.54
CA ILE A 323 -8.27 -2.44 -13.17
C ILE A 323 -9.11 -3.28 -12.21
N ILE A 324 -8.51 -4.31 -11.59
CA ILE A 324 -9.21 -5.17 -10.62
C ILE A 324 -9.71 -4.37 -9.41
N LEU A 325 -8.91 -3.39 -8.94
CA LEU A 325 -9.29 -2.50 -7.84
C LEU A 325 -10.62 -1.79 -8.19
N LEU A 326 -10.68 -1.19 -9.39
CA LEU A 326 -11.85 -0.46 -9.87
C LEU A 326 -13.06 -1.34 -10.04
N ARG A 327 -12.86 -2.58 -10.51
CA ARG A 327 -13.96 -3.54 -10.68
C ARG A 327 -14.54 -3.95 -9.32
N ASP A 328 -13.68 -4.13 -8.29
CA ASP A 328 -14.09 -4.47 -6.92
C ASP A 328 -14.87 -3.32 -6.28
N ILE A 329 -14.41 -2.07 -6.48
CA ILE A 329 -15.10 -0.88 -5.95
C ILE A 329 -16.50 -0.77 -6.53
N LYS A 330 -16.63 -0.92 -7.86
CA LYS A 330 -17.94 -0.84 -8.52
C LYS A 330 -18.89 -1.94 -8.03
N LYS A 331 -18.38 -3.16 -7.83
CA LYS A 331 -19.23 -4.27 -7.35
C LYS A 331 -19.86 -3.96 -6.00
N ILE A 332 -19.09 -3.29 -5.12
CA ILE A 332 -19.49 -2.93 -3.76
C ILE A 332 -20.27 -1.61 -3.69
N PHE A 333 -19.68 -0.52 -4.20
CA PHE A 333 -20.20 0.84 -4.11
C PHE A 333 -20.97 1.36 -5.35
N ASN A 334 -20.89 0.65 -6.51
CA ASN A 334 -21.47 1.03 -7.80
C ASN A 334 -20.80 2.26 -8.40
N THR A 335 -19.70 2.71 -7.80
CA THR A 335 -18.96 3.88 -8.24
C THR A 335 -18.00 3.54 -9.37
N GLU A 336 -18.01 4.35 -10.42
CA GLU A 336 -17.08 4.25 -11.54
C GLU A 336 -16.09 5.41 -11.43
N VAL A 337 -14.84 5.16 -11.79
CA VAL A 337 -13.79 6.18 -11.82
C VAL A 337 -13.77 6.67 -13.27
N PHE A 338 -13.90 7.99 -13.46
CA PHE A 338 -13.87 8.57 -14.80
C PHE A 338 -12.46 9.08 -15.08
N LEU A 339 -11.93 8.78 -16.28
CA LEU A 339 -10.57 9.16 -16.65
C LEU A 339 -10.58 10.06 -17.87
N LYS A 340 -10.01 11.25 -17.71
CA LYS A 340 -9.93 12.24 -18.80
C LYS A 340 -8.48 12.62 -19.01
N PRO A 341 -7.97 12.74 -20.25
CA PRO A 341 -6.57 13.13 -20.43
C PRO A 341 -6.30 14.55 -19.95
N VAL A 342 -5.04 14.85 -19.58
CA VAL A 342 -4.63 16.20 -19.18
C VAL A 342 -4.48 17.03 -20.48
N ASP A 343 -4.67 18.36 -20.40
CA ASP A 343 -4.57 19.27 -21.55
C ASP A 343 -3.12 19.46 -22.07
N GLU A 344 -2.12 18.92 -21.35
CA GLU A 344 -0.69 18.99 -21.65
C GLU A 344 -0.24 18.01 -22.74
N ALA A 345 0.92 18.31 -23.38
CA ALA A 345 1.58 17.52 -24.41
C ALA A 345 2.91 16.91 -23.89
N ASP A 346 3.41 17.45 -22.76
CA ASP A 346 4.65 17.02 -22.08
C ASP A 346 4.57 15.58 -21.57
N ASN A 347 3.37 15.17 -21.10
CA ASN A 347 3.13 13.83 -20.58
C ASN A 347 1.78 13.27 -21.03
N GLU A 348 1.57 11.97 -20.76
CA GLU A 348 0.35 11.25 -21.12
C GLU A 348 -0.57 10.99 -19.90
N ASP A 349 -0.39 11.76 -18.81
CA ASP A 349 -1.18 11.64 -17.58
C ASP A 349 -2.68 11.83 -17.80
N MSE A 350 -3.48 11.33 -16.86
CA MSE A 350 -4.91 11.57 -16.90
C MSE A 350 -5.49 11.97 -15.56
O MSE A 350 -4.80 11.84 -14.54
CB MSE A 350 -5.73 10.56 -17.74
CG MSE A 350 -5.77 9.14 -17.26
SE MSE A 350 -5.94 7.95 -18.85
CE MSE A 350 -4.19 7.32 -18.75
N ILE A 351 -6.68 12.57 -15.57
CA ILE A 351 -7.33 12.96 -14.31
C ILE A 351 -8.36 11.90 -13.93
N ALA A 352 -8.20 11.29 -12.78
CA ALA A 352 -9.19 10.35 -12.27
C ALA A 352 -10.23 11.22 -11.52
N THR A 353 -11.49 11.18 -11.96
CA THR A 353 -12.53 11.95 -11.27
C THR A 353 -13.47 10.99 -10.62
N ILE A 354 -13.77 11.23 -9.34
CA ILE A 354 -14.61 10.33 -8.54
C ILE A 354 -15.63 11.08 -7.73
N LYS A 355 -16.91 10.73 -7.91
CA LYS A 355 -17.99 11.26 -7.09
C LYS A 355 -18.02 10.44 -5.80
N GLY A 356 -17.75 11.09 -4.68
CA GLY A 356 -17.78 10.45 -3.36
C GLY A 356 -19.19 9.95 -3.07
N ILE A 357 -19.28 8.85 -2.32
CA ILE A 357 -20.54 8.18 -1.99
C ILE A 357 -21.50 9.01 -1.11
N GLY A 358 -20.95 9.86 -0.22
CA GLY A 358 -21.75 10.66 0.70
C GLY A 358 -22.72 9.79 1.50
N PHE A 359 -24.02 10.10 1.39
CA PHE A 359 -25.10 9.37 2.07
C PHE A 359 -25.83 8.39 1.13
N THR A 360 -25.44 8.36 -0.17
CA THR A 360 -26.01 7.54 -1.26
C THR A 360 -26.03 6.05 -0.92
N ASN A 361 -27.16 5.38 -1.22
CA ASN A 361 -27.34 3.94 -0.99
C ASN A 361 -27.76 3.24 -2.30
N TRP B 1 -11.30 1.71 -27.93
CA TRP B 1 -9.97 1.88 -27.35
C TRP B 1 -9.90 2.99 -26.26
N ASN B 2 -11.02 3.22 -25.54
CA ASN B 2 -11.10 4.19 -24.45
C ASN B 2 -10.94 3.42 -23.13
N ILE B 3 -9.83 3.67 -22.42
CA ILE B 3 -9.51 2.97 -21.18
C ILE B 3 -10.60 3.03 -20.09
N GLY B 4 -11.16 4.22 -19.85
CA GLY B 4 -12.24 4.41 -18.88
C GLY B 4 -13.40 3.47 -19.10
N LYS B 5 -13.80 3.27 -20.39
CA LYS B 5 -14.88 2.37 -20.78
C LYS B 5 -14.44 0.91 -20.69
N LEU B 6 -13.25 0.56 -21.23
CA LEU B 6 -12.69 -0.81 -21.20
C LEU B 6 -12.65 -1.44 -19.80
N ILE B 7 -12.31 -0.63 -18.77
CA ILE B 7 -12.23 -1.05 -17.36
C ILE B 7 -13.57 -1.63 -16.87
N TYR B 8 -14.69 -1.02 -17.29
CA TYR B 8 -16.01 -1.43 -16.85
C TYR B 8 -16.76 -2.39 -17.77
N MET B 9 -16.02 -3.08 -18.66
CA MET B 9 -16.56 -4.07 -19.59
C MET B 9 -16.09 -5.44 -19.08
N ASP B 10 -16.92 -6.09 -18.24
CA ASP B 10 -16.59 -7.38 -17.60
C ASP B 10 -16.32 -8.56 -18.54
N ASN B 11 -16.78 -8.47 -19.81
CA ASN B 11 -16.54 -9.49 -20.84
C ASN B 11 -15.07 -9.49 -21.32
N ILE B 12 -14.31 -8.44 -20.93
CA ILE B 12 -12.89 -8.26 -21.26
C ILE B 12 -12.06 -8.35 -19.98
N SER B 13 -10.99 -9.17 -20.00
CA SER B 13 -10.06 -9.39 -18.90
C SER B 13 -9.18 -8.14 -18.64
N PRO B 14 -8.62 -7.94 -17.42
CA PRO B 14 -7.75 -6.76 -17.20
C PRO B 14 -6.52 -6.69 -18.14
N GLU B 15 -5.86 -7.85 -18.41
CA GLU B 15 -4.69 -7.91 -19.31
C GLU B 15 -5.04 -7.56 -20.76
N GLU B 16 -6.29 -7.88 -21.18
CA GLU B 16 -6.81 -7.59 -22.52
C GLU B 16 -7.16 -6.09 -22.66
N CYS B 17 -7.58 -5.43 -21.56
CA CYS B 17 -7.89 -4.00 -21.51
C CYS B 17 -6.64 -3.22 -21.87
N ILE B 18 -5.49 -3.58 -21.25
CA ILE B 18 -4.18 -2.95 -21.43
C ILE B 18 -3.67 -3.14 -22.88
N ARG B 19 -3.83 -4.35 -23.43
CA ARG B 19 -3.42 -4.67 -24.80
C ARG B 19 -4.21 -3.87 -25.83
N ARG B 20 -5.55 -3.83 -25.70
CA ARG B 20 -6.46 -3.07 -26.56
C ARG B 20 -6.19 -1.56 -26.47
N TRP B 21 -5.93 -1.06 -25.24
CA TRP B 21 -5.67 0.35 -24.96
C TRP B 21 -4.33 0.83 -25.52
N ARG B 22 -3.23 0.13 -25.19
CA ARG B 22 -1.89 0.47 -25.66
C ARG B 22 -1.00 -0.76 -25.88
N GLY B 23 -0.69 -1.04 -27.15
CA GLY B 23 0.15 -2.15 -27.56
C GLY B 23 -0.65 -3.37 -27.97
N VAL B 60 -0.68 -8.57 -9.91
CA VAL B 60 -2.07 -8.79 -10.35
C VAL B 60 -2.95 -9.25 -9.15
N ASP B 61 -2.62 -8.75 -7.94
CA ASP B 61 -3.29 -9.02 -6.67
C ASP B 61 -2.86 -7.98 -5.63
N LEU B 62 -3.83 -7.22 -5.05
CA LEU B 62 -3.53 -6.23 -4.01
C LEU B 62 -3.11 -6.88 -2.67
N GLU B 63 -3.15 -8.23 -2.60
CA GLU B 63 -2.68 -8.99 -1.43
C GLU B 63 -1.17 -8.92 -1.30
N LYS B 64 -0.49 -8.53 -2.40
CA LYS B 64 0.93 -8.23 -2.47
C LYS B 64 1.02 -6.68 -2.55
N PHE B 65 1.32 -6.02 -1.43
CA PHE B 65 1.41 -4.56 -1.36
C PHE B 65 2.45 -3.95 -2.31
N VAL B 66 3.64 -4.55 -2.34
CA VAL B 66 4.78 -4.06 -3.12
C VAL B 66 4.49 -4.22 -4.60
N PRO B 67 4.53 -3.10 -5.37
CA PRO B 67 4.21 -3.20 -6.80
C PRO B 67 5.32 -3.87 -7.62
N TYR B 68 4.97 -4.27 -8.84
CA TYR B 68 5.87 -4.92 -9.76
C TYR B 68 7.02 -4.01 -10.21
N PHE B 69 8.20 -4.59 -10.34
CA PHE B 69 9.38 -3.93 -10.87
C PHE B 69 10.08 -4.85 -11.84
N ASP B 70 10.71 -4.27 -12.87
CA ASP B 70 11.55 -5.02 -13.80
C ASP B 70 12.79 -5.46 -13.01
N THR B 71 13.57 -6.43 -13.53
CA THR B 71 14.78 -6.95 -12.85
C THR B 71 15.76 -5.82 -12.52
N PHE B 72 16.53 -5.99 -11.43
CA PHE B 72 17.56 -5.05 -10.97
C PHE B 72 18.51 -4.71 -12.13
N GLU B 73 18.95 -5.74 -12.89
CA GLU B 73 19.83 -5.63 -14.06
C GLU B 73 19.27 -4.63 -15.09
N LYS B 74 17.97 -4.78 -15.46
CA LYS B 74 17.27 -3.91 -16.41
C LYS B 74 17.14 -2.49 -15.85
N LEU B 75 16.78 -2.35 -14.55
CA LEU B 75 16.63 -1.06 -13.88
C LEU B 75 17.95 -0.30 -13.70
N ALA B 76 19.03 -1.00 -13.30
CA ALA B 76 20.36 -0.41 -13.10
C ALA B 76 20.86 0.23 -14.39
N LYS B 77 20.66 -0.46 -15.53
CA LYS B 77 21.05 -0.01 -16.88
C LYS B 77 20.25 1.23 -17.29
N LYS B 78 18.92 1.20 -17.08
CA LYS B 78 18.00 2.28 -17.40
C LYS B 78 18.28 3.52 -16.52
N TRP B 79 18.62 3.29 -15.23
CA TRP B 79 18.84 4.37 -14.28
C TRP B 79 20.28 4.85 -14.04
N LYS B 80 21.20 4.58 -15.00
CA LYS B 80 22.57 5.08 -14.93
C LYS B 80 22.57 6.59 -15.22
N SER B 81 21.54 7.04 -15.95
CA SER B 81 21.22 8.43 -16.30
C SER B 81 19.89 8.78 -15.63
N VAL B 82 19.83 9.93 -14.93
CA VAL B 82 18.62 10.38 -14.22
C VAL B 82 17.84 11.47 -14.99
N ASP B 83 18.15 11.65 -16.30
CA ASP B 83 17.56 12.65 -17.19
C ASP B 83 16.06 12.55 -17.41
N ALA B 84 15.52 11.32 -17.59
CA ALA B 84 14.09 11.10 -17.83
C ALA B 84 13.16 11.62 -16.73
N ILE B 85 13.70 11.96 -15.53
CA ILE B 85 12.93 12.47 -14.40
C ILE B 85 13.39 13.82 -13.84
N LYS B 86 14.34 14.51 -14.51
CA LYS B 86 14.87 15.81 -14.05
C LYS B 86 13.81 16.90 -13.82
N GLU B 87 12.70 16.87 -14.59
CA GLU B 87 11.57 17.81 -14.49
C GLU B 87 10.78 17.64 -13.18
N ARG B 88 10.80 16.43 -12.59
CA ARG B 88 10.10 16.15 -11.33
C ARG B 88 10.81 16.79 -10.12
N PHE B 89 12.01 17.37 -10.33
CA PHE B 89 12.84 17.98 -9.28
C PHE B 89 13.00 19.49 -9.39
N LEU B 90 13.25 20.15 -8.24
CA LEU B 90 13.41 21.60 -8.14
C LEU B 90 14.88 21.99 -8.34
#